data_5U0Z
#
_entry.id   5U0Z
#
_cell.length_a   94.081
_cell.length_b   85.330
_cell.length_c   84.186
_cell.angle_alpha   90.00
_cell.angle_beta   110.62
_cell.angle_gamma   90.00
#
_symmetry.space_group_name_H-M   'C 1 2 1'
#
loop_
_entity.id
_entity.type
_entity.pdbx_description
1 polymer 'Dihydropteroate synthase'
2 non-polymer '(2R)-[(2-amino-6-oxo-6,9-dihydro-1H-purin-8-yl)sulfanyl](phenyl)acetic acid'
3 water water
#
_entity_poly.entity_id   1
_entity_poly.type   'polypeptide(L)'
_entity_poly.pdbx_seq_one_letter_code
;GSMKLFAQGTSLDLSHPHVMGILNVTPDSFSDGGTHNSLIDAVKHANLMINAGATIIDVGGESTRPGAAEVSVEEELQRV
IPVVEAIAQRFEVWISVDTSKPEVIRESAKVGAHIINDIRSLSEPGALEAAAETGLPVCLMHMQGNPKTMQEAPKYDDVF
AEVNRYFIEQIARCEQAGIAKEKLLLDPGFGFGKNLSHNYSLLARLAEFHHFNLPLLVGMSRKSMIGQLLNVGPSERLSG
SLACAVIAAMQGAHIIRVHDVKETVEAMRVVEATLSAKENKRYE
;
_entity_poly.pdbx_strand_id   A,B
#
# COMPACT_ATOMS: atom_id res chain seq x y z
N MET A 3 -9.02 5.49 -21.80
CA MET A 3 -8.91 6.78 -21.01
C MET A 3 -7.49 7.37 -21.25
N LYS A 4 -7.47 8.48 -21.95
CA LYS A 4 -6.23 9.16 -22.40
C LYS A 4 -6.34 10.67 -22.22
N LEU A 5 -5.19 11.31 -22.13
CA LEU A 5 -5.09 12.77 -22.20
C LEU A 5 -4.18 13.12 -23.35
N PHE A 6 -4.41 14.31 -23.90
CA PHE A 6 -3.72 14.79 -25.10
C PHE A 6 -3.23 16.20 -24.90
N ALA A 7 -1.97 16.44 -25.26
CA ALA A 7 -1.36 17.75 -25.07
C ALA A 7 -0.03 17.78 -25.80
N GLN A 8 0.30 18.93 -26.42
CA GLN A 8 1.64 19.16 -27.04
C GLN A 8 2.00 18.06 -28.05
N GLY A 9 0.99 17.55 -28.75
CA GLY A 9 1.18 16.51 -29.76
C GLY A 9 1.53 15.11 -29.27
N THR A 10 1.34 14.81 -27.99
CA THR A 10 1.57 13.46 -27.46
C THR A 10 0.40 13.08 -26.60
N SER A 11 0.40 11.84 -26.14
CA SER A 11 -0.68 11.39 -25.29
C SER A 11 -0.16 10.65 -24.05
N LEU A 12 -1.06 10.53 -23.09
CA LEU A 12 -0.80 9.87 -21.84
C LEU A 12 -1.86 8.80 -21.72
N ASP A 13 -1.45 7.55 -21.66
CA ASP A 13 -2.36 6.42 -21.61
C ASP A 13 -2.66 6.12 -20.15
N LEU A 14 -3.90 6.38 -19.73
CA LEU A 14 -4.32 6.15 -18.35
C LEU A 14 -5.08 4.86 -18.15
N SER A 15 -4.64 3.80 -18.83
CA SER A 15 -5.15 2.45 -18.61
C SER A 15 -4.43 1.80 -17.44
N HIS A 16 -3.33 2.42 -17.00
CA HIS A 16 -2.60 1.99 -15.84
C HIS A 16 -2.21 3.22 -15.01
N PRO A 17 -1.96 3.04 -13.70
CA PRO A 17 -1.54 4.22 -12.89
C PRO A 17 -0.20 4.83 -13.32
N HIS A 18 -0.11 6.16 -13.23
CA HIS A 18 1.10 6.91 -13.50
C HIS A 18 1.65 7.58 -12.25
N VAL A 19 2.96 7.65 -12.13
CA VAL A 19 3.60 8.36 -11.02
C VAL A 19 4.05 9.76 -11.46
N MET A 20 3.61 10.78 -10.71
CA MET A 20 3.96 12.17 -10.94
C MET A 20 5.01 12.59 -9.89
N GLY A 21 6.20 12.96 -10.34
CA GLY A 21 7.28 13.33 -9.42
C GLY A 21 7.19 14.81 -9.08
N ILE A 22 7.30 15.15 -7.80
CA ILE A 22 7.21 16.54 -7.33
C ILE A 22 8.55 17.23 -7.61
N LEU A 23 8.51 18.35 -8.35
CA LEU A 23 9.69 19.18 -8.53
C LEU A 23 9.45 20.56 -7.94
N ASN A 24 9.83 20.71 -6.68
CA ASN A 24 9.59 21.97 -6.01
C ASN A 24 10.70 22.93 -6.38
N VAL A 25 10.34 24.07 -6.96
CA VAL A 25 11.29 25.15 -7.25
C VAL A 25 10.97 26.44 -6.49
N THR A 26 10.23 26.32 -5.39
CA THR A 26 10.20 27.34 -4.34
C THR A 26 11.58 27.30 -3.60
N ASN A 37 23.35 26.66 -8.47
CA ASN A 37 22.42 27.05 -9.52
C ASN A 37 21.19 26.14 -9.57
N SER A 38 20.01 26.74 -9.37
CA SER A 38 18.78 25.99 -9.14
C SER A 38 18.17 25.38 -10.40
N LEU A 39 18.46 25.95 -11.57
CA LEU A 39 17.94 25.40 -12.80
C LEU A 39 18.59 24.05 -13.10
N ILE A 40 19.93 24.00 -13.04
CA ILE A 40 20.67 22.73 -13.26
C ILE A 40 20.24 21.68 -12.23
N ASP A 41 20.12 22.09 -10.96
CA ASP A 41 19.62 21.20 -9.91
C ASP A 41 18.24 20.62 -10.22
N ALA A 42 17.34 21.47 -10.67
CA ALA A 42 15.98 21.06 -11.03
C ALA A 42 16.02 19.99 -12.11
N VAL A 43 16.87 20.24 -13.11
CA VAL A 43 16.98 19.35 -14.26
C VAL A 43 17.63 18.04 -13.84
N LYS A 44 18.66 18.09 -13.00
CA LYS A 44 19.24 16.85 -12.45
C LYS A 44 18.15 16.05 -11.73
N HIS A 45 17.37 16.72 -10.88
CA HIS A 45 16.32 16.06 -10.08
C HIS A 45 15.21 15.49 -10.96
N ALA A 46 14.83 16.23 -11.99
CA ALA A 46 13.86 15.75 -12.98
C ALA A 46 14.34 14.48 -13.68
N ASN A 47 15.63 14.47 -13.99
CA ASN A 47 16.27 13.37 -14.66
C ASN A 47 16.23 12.12 -13.78
N LEU A 48 16.63 12.29 -12.52
CA LEU A 48 16.58 11.20 -11.55
C LEU A 48 15.17 10.65 -11.45
N MET A 49 14.17 11.52 -11.40
CA MET A 49 12.76 11.06 -11.27
C MET A 49 12.29 10.33 -12.50
N ILE A 50 12.69 10.82 -13.67
CA ILE A 50 12.38 10.15 -14.94
C ILE A 50 12.98 8.76 -14.98
N ASN A 51 14.24 8.65 -14.54
CA ASN A 51 14.94 7.35 -14.52
C ASN A 51 14.28 6.40 -13.57
N ALA A 52 13.78 6.92 -12.45
CA ALA A 52 12.99 6.16 -11.47
C ALA A 52 11.60 5.72 -11.95
N GLY A 53 11.15 6.24 -13.10
CA GLY A 53 9.89 5.80 -13.73
C GLY A 53 8.76 6.81 -13.63
N ALA A 54 9.04 8.04 -13.17
CA ALA A 54 8.03 9.10 -13.20
C ALA A 54 7.69 9.39 -14.66
N THR A 55 6.40 9.43 -14.99
CA THR A 55 5.96 9.78 -16.34
C THR A 55 5.38 11.21 -16.47
N ILE A 56 5.31 11.92 -15.34
CA ILE A 56 4.90 13.32 -15.28
C ILE A 56 5.75 13.97 -14.20
N ILE A 57 6.21 15.18 -14.46
CA ILE A 57 6.96 15.98 -13.50
C ILE A 57 6.12 17.23 -13.19
N ASP A 58 5.82 17.45 -11.91
CA ASP A 58 4.96 18.53 -11.45
C ASP A 58 5.87 19.65 -10.91
N VAL A 59 6.03 20.71 -11.72
CA VAL A 59 6.91 21.84 -11.39
C VAL A 59 6.09 22.83 -10.60
N GLY A 60 6.59 23.21 -9.42
CA GLY A 60 5.83 24.06 -8.51
C GLY A 60 6.69 25.13 -7.89
N GLY A 61 6.27 26.39 -8.09
CA GLY A 61 7.01 27.57 -7.63
C GLY A 61 6.38 28.47 -6.58
N GLU A 62 5.14 28.19 -6.18
CA GLU A 62 4.50 28.92 -5.08
C GLU A 62 4.19 27.93 -3.96
N SER A 63 4.84 28.05 -2.81
CA SER A 63 4.56 27.12 -1.72
C SER A 63 3.19 27.40 -1.11
N THR A 64 2.64 26.35 -0.50
CA THR A 64 1.35 26.41 0.16
C THR A 64 1.50 26.52 1.71
N ARG A 65 2.62 27.08 2.19
CA ARG A 65 2.85 27.29 3.65
C ARG A 65 1.87 28.35 4.20
N PRO A 66 0.92 27.95 5.10
CA PRO A 66 -0.19 28.85 5.50
C PRO A 66 0.11 30.34 5.82
N GLY A 67 1.00 30.64 6.77
CA GLY A 67 1.39 32.04 7.03
C GLY A 67 2.09 32.82 5.88
N ALA A 68 2.59 32.10 4.86
CA ALA A 68 3.49 32.68 3.84
C ALA A 68 2.88 33.69 2.85
N ALA A 69 3.65 34.73 2.56
CA ALA A 69 3.42 35.60 1.42
C ALA A 69 3.22 34.81 0.13
N GLU A 70 2.25 35.22 -0.68
CA GLU A 70 2.12 34.69 -2.03
C GLU A 70 3.30 35.25 -2.82
N VAL A 71 3.76 34.50 -3.81
CA VAL A 71 4.86 34.95 -4.64
C VAL A 71 4.28 35.90 -5.68
N SER A 72 5.07 36.87 -6.10
CA SER A 72 4.70 37.74 -7.21
C SER A 72 4.65 36.93 -8.49
N VAL A 73 3.94 37.44 -9.48
CA VAL A 73 3.90 36.79 -10.79
C VAL A 73 5.31 36.77 -11.41
N GLU A 74 6.06 37.85 -11.25
CA GLU A 74 7.43 37.91 -11.82
C GLU A 74 8.38 36.85 -11.21
N GLU A 75 8.25 36.61 -9.91
CA GLU A 75 9.06 35.61 -9.22
C GLU A 75 8.65 34.18 -9.67
N GLU A 76 7.35 33.92 -9.75
CA GLU A 76 6.88 32.62 -10.12
C GLU A 76 7.27 32.29 -11.55
N LEU A 77 7.17 33.27 -12.47
CA LEU A 77 7.63 33.07 -13.84
C LEU A 77 9.13 32.68 -13.86
N GLN A 78 9.95 33.43 -13.14
CA GLN A 78 11.39 33.18 -13.07
C GLN A 78 11.74 31.77 -12.56
N ARG A 79 11.04 31.32 -11.53
CA ARG A 79 11.26 29.98 -10.95
C ARG A 79 10.81 28.85 -11.88
N VAL A 80 9.60 29.00 -12.42
CA VAL A 80 8.88 27.92 -13.12
C VAL A 80 9.22 27.82 -14.61
N ILE A 81 9.16 28.92 -15.35
CA ILE A 81 9.19 28.85 -16.81
C ILE A 81 10.50 28.28 -17.38
N PRO A 82 11.66 28.76 -16.89
CA PRO A 82 12.90 28.13 -17.37
C PRO A 82 12.98 26.63 -17.04
N VAL A 83 12.40 26.21 -15.91
CA VAL A 83 12.43 24.81 -15.52
C VAL A 83 11.60 23.97 -16.48
N VAL A 84 10.37 24.38 -16.71
CA VAL A 84 9.49 23.72 -17.67
C VAL A 84 10.11 23.67 -19.08
N GLU A 85 10.78 24.74 -19.48
CA GLU A 85 11.39 24.84 -20.80
C GLU A 85 12.52 23.82 -20.91
N ALA A 86 13.46 23.88 -19.96
CA ALA A 86 14.61 22.97 -19.90
C ALA A 86 14.20 21.50 -20.05
N ILE A 87 13.14 21.12 -19.33
CA ILE A 87 12.63 19.75 -19.33
C ILE A 87 12.00 19.39 -20.66
N ALA A 88 11.20 20.30 -21.18
CA ALA A 88 10.50 20.06 -22.45
C ALA A 88 11.48 19.84 -23.60
N GLN A 89 12.56 20.59 -23.61
CA GLN A 89 13.52 20.52 -24.70
C GLN A 89 14.61 19.47 -24.48
N ARG A 90 14.57 18.77 -23.35
CA ARG A 90 15.57 17.77 -23.04
C ARG A 90 15.02 16.34 -22.89
N PHE A 91 13.77 16.18 -22.45
CA PHE A 91 13.17 14.87 -22.12
C PHE A 91 11.81 14.75 -22.79
N GLU A 92 11.34 13.51 -22.90
CA GLU A 92 10.03 13.19 -23.48
C GLU A 92 8.87 13.28 -22.47
N VAL A 93 9.20 13.36 -21.18
CA VAL A 93 8.24 13.26 -20.10
C VAL A 93 7.14 14.30 -20.14
N TRP A 94 5.96 13.97 -19.64
CA TRP A 94 4.92 14.98 -19.45
C TRP A 94 5.28 15.91 -18.28
N ILE A 95 4.76 17.11 -18.34
CA ILE A 95 5.12 18.19 -17.41
C ILE A 95 3.81 18.81 -16.93
N SER A 96 3.59 18.79 -15.62
CA SER A 96 2.50 19.54 -15.04
C SER A 96 3.07 20.74 -14.32
N VAL A 97 2.30 21.81 -14.30
CA VAL A 97 2.74 23.06 -13.74
C VAL A 97 1.79 23.42 -12.63
N ASP A 98 2.35 23.72 -11.49
CA ASP A 98 1.61 23.96 -10.27
C ASP A 98 1.49 25.48 -10.08
N THR A 99 0.42 26.04 -10.62
CA THR A 99 0.23 27.48 -10.58
C THR A 99 -1.25 27.85 -10.56
N SER A 100 -1.53 29.01 -10.01
CA SER A 100 -2.87 29.59 -10.04
C SER A 100 -2.95 30.83 -10.91
N LYS A 101 -1.85 31.21 -11.58
CA LYS A 101 -1.76 32.53 -12.25
C LYS A 101 -1.91 32.44 -13.75
N PRO A 102 -2.79 33.28 -14.34
CA PRO A 102 -3.03 33.21 -15.77
C PRO A 102 -1.76 33.33 -16.60
N GLU A 103 -0.85 34.22 -16.22
CA GLU A 103 0.37 34.46 -17.00
C GLU A 103 1.27 33.24 -16.96
N VAL A 104 1.36 32.60 -15.81
CA VAL A 104 2.20 31.39 -15.68
C VAL A 104 1.60 30.23 -16.46
N ILE A 105 0.28 30.15 -16.49
CA ILE A 105 -0.42 29.17 -17.32
C ILE A 105 -0.10 29.38 -18.79
N ARG A 106 -0.23 30.62 -19.29
CA ARG A 106 0.07 30.93 -20.69
C ARG A 106 1.52 30.65 -21.04
N GLU A 107 2.44 31.20 -20.25
CA GLU A 107 3.84 31.04 -20.52
C GLU A 107 4.30 29.60 -20.45
N SER A 108 3.76 28.84 -19.51
CA SER A 108 4.10 27.43 -19.38
C SER A 108 3.62 26.62 -20.59
N ALA A 109 2.40 26.87 -21.04
CA ALA A 109 1.89 26.21 -22.25
C ALA A 109 2.84 26.49 -23.40
N LYS A 110 3.29 27.74 -23.55
CA LYS A 110 4.15 28.08 -24.69
C LYS A 110 5.51 27.34 -24.70
N VAL A 111 6.03 26.98 -23.53
CA VAL A 111 7.32 26.31 -23.47
C VAL A 111 7.18 24.79 -23.32
N GLY A 112 5.96 24.24 -23.50
CA GLY A 112 5.73 22.78 -23.57
C GLY A 112 5.04 22.04 -22.42
N ALA A 113 4.49 22.76 -21.43
CA ALA A 113 3.77 22.11 -20.31
C ALA A 113 2.54 21.37 -20.83
N HIS A 114 2.21 20.25 -20.18
CA HIS A 114 1.10 19.41 -20.64
C HIS A 114 -0.15 19.54 -19.81
N ILE A 115 -0.01 19.86 -18.52
CA ILE A 115 -1.14 19.85 -17.59
C ILE A 115 -1.03 21.05 -16.70
N ILE A 116 -2.14 21.75 -16.53
CA ILE A 116 -2.25 22.85 -15.54
C ILE A 116 -2.78 22.23 -14.26
N ASN A 117 -1.95 22.18 -13.23
CA ASN A 117 -2.37 21.59 -11.96
C ASN A 117 -2.57 22.72 -10.98
N ASP A 118 -3.82 23.18 -10.88
CA ASP A 118 -4.14 24.31 -10.01
C ASP A 118 -4.92 23.87 -8.79
N ILE A 119 -4.26 24.04 -7.65
CA ILE A 119 -4.84 23.78 -6.36
C ILE A 119 -6.04 24.69 -6.04
N ARG A 120 -6.14 25.82 -6.73
CA ARG A 120 -7.26 26.76 -6.61
C ARG A 120 -8.35 26.58 -7.68
N SER A 121 -8.19 25.56 -8.51
CA SER A 121 -9.18 25.23 -9.53
C SER A 121 -9.59 26.44 -10.38
N LEU A 122 -8.59 27.24 -10.75
CA LEU A 122 -8.71 28.36 -11.68
C LEU A 122 -9.69 29.42 -11.16
N SER A 123 -9.58 29.73 -9.88
CA SER A 123 -10.46 30.70 -9.29
C SER A 123 -9.85 32.07 -9.32
N GLU A 124 -8.56 32.18 -9.67
CA GLU A 124 -7.93 33.50 -9.83
C GLU A 124 -8.50 34.24 -11.04
N PRO A 125 -8.61 35.58 -10.93
CA PRO A 125 -9.08 36.37 -12.06
C PRO A 125 -8.28 36.08 -13.34
N GLY A 126 -8.96 35.69 -14.42
CA GLY A 126 -8.30 35.32 -15.68
C GLY A 126 -7.76 33.90 -15.81
N ALA A 127 -7.64 33.17 -14.69
CA ALA A 127 -7.06 31.81 -14.70
C ALA A 127 -7.85 30.86 -15.59
N LEU A 128 -9.17 30.94 -15.50
CA LEU A 128 -10.07 30.06 -16.22
C LEU A 128 -10.01 30.30 -17.74
N GLU A 129 -9.98 31.57 -18.11
CA GLU A 129 -9.88 32.01 -19.47
C GLU A 129 -8.52 31.58 -20.06
N ALA A 130 -7.44 31.77 -19.28
CA ALA A 130 -6.08 31.42 -19.74
C ALA A 130 -5.92 29.93 -19.96
N ALA A 131 -6.43 29.15 -19.03
CA ALA A 131 -6.36 27.70 -19.16
C ALA A 131 -7.20 27.22 -20.35
N ALA A 132 -8.40 27.78 -20.51
CA ALA A 132 -9.23 27.46 -21.70
C ALA A 132 -8.47 27.72 -22.99
N GLU A 133 -7.79 28.86 -23.07
CA GLU A 133 -7.05 29.23 -24.26
C GLU A 133 -5.83 28.34 -24.56
N THR A 134 -5.17 27.77 -23.57
CA THR A 134 -4.04 26.86 -23.84
C THR A 134 -4.49 25.55 -24.50
N GLY A 135 -5.73 25.15 -24.25
CA GLY A 135 -6.23 23.84 -24.64
C GLY A 135 -5.64 22.64 -23.91
N LEU A 136 -4.92 22.91 -22.81
CA LEU A 136 -4.21 21.87 -22.07
C LEU A 136 -5.18 21.16 -21.11
N PRO A 137 -4.88 19.90 -20.72
CA PRO A 137 -5.54 19.32 -19.56
C PRO A 137 -5.40 20.13 -18.25
N VAL A 138 -6.48 20.11 -17.47
CA VAL A 138 -6.60 20.90 -16.26
C VAL A 138 -7.03 20.00 -15.10
N CYS A 139 -6.30 20.07 -14.00
CA CYS A 139 -6.64 19.31 -12.79
C CYS A 139 -7.40 20.23 -11.86
N LEU A 140 -8.56 19.77 -11.42
CA LEU A 140 -9.42 20.51 -10.50
C LEU A 140 -9.30 19.87 -9.13
N MET A 141 -8.77 20.61 -8.17
CA MET A 141 -8.55 20.08 -6.82
C MET A 141 -9.54 20.67 -5.82
N HIS A 142 -10.12 19.84 -4.96
CA HIS A 142 -10.87 20.40 -3.85
C HIS A 142 -9.96 20.99 -2.73
N MET A 143 -10.36 22.17 -2.30
CA MET A 143 -9.80 22.85 -1.15
C MET A 143 -10.99 23.53 -0.51
N GLN A 144 -11.11 23.47 0.82
CA GLN A 144 -12.05 24.31 1.55
C GLN A 144 -11.29 25.53 2.01
N GLY A 145 -11.77 26.71 1.63
CA GLY A 145 -11.18 27.98 2.02
C GLY A 145 -10.01 28.30 1.14
N ASN A 146 -8.97 28.92 1.74
CA ASN A 146 -7.71 29.22 1.05
C ASN A 146 -6.52 28.67 1.85
N PRO A 147 -5.33 28.58 1.22
CA PRO A 147 -4.18 28.03 1.97
C PRO A 147 -3.76 28.71 3.26
N LYS A 148 -4.08 30.00 3.46
CA LYS A 148 -3.67 30.73 4.68
C LYS A 148 -4.37 30.21 5.93
N THR A 149 -5.67 29.92 5.82
CA THR A 149 -6.53 29.62 6.96
C THR A 149 -7.27 28.26 6.93
N MET A 150 -7.14 27.52 5.83
CA MET A 150 -7.92 26.30 5.59
C MET A 150 -7.78 25.25 6.71
N GLN A 151 -6.57 25.14 7.28
CA GLN A 151 -6.32 24.18 8.37
C GLN A 151 -6.71 24.61 9.79
N GLU A 152 -7.30 25.80 9.98
CA GLU A 152 -7.70 26.24 11.33
C GLU A 152 -8.78 25.39 11.92
N ALA A 153 -9.92 25.28 11.23
CA ALA A 153 -11.08 24.56 11.73
C ALA A 153 -11.82 23.85 10.60
N PRO A 154 -11.15 22.91 9.92
CA PRO A 154 -11.82 22.23 8.82
C PRO A 154 -13.10 21.55 9.31
N LYS A 155 -14.23 21.79 8.65
CA LYS A 155 -15.50 21.27 9.11
C LYS A 155 -16.40 20.81 7.98
N TYR A 156 -17.00 19.63 8.10
CA TYR A 156 -17.91 19.10 7.05
C TYR A 156 -19.04 18.37 7.70
N ASP A 157 -20.23 18.51 7.14
CA ASP A 157 -21.36 17.65 7.47
C ASP A 157 -21.10 16.29 6.84
N ASP A 158 -20.72 16.29 5.57
CA ASP A 158 -20.43 15.05 4.84
C ASP A 158 -19.36 15.35 3.82
N VAL A 159 -18.14 14.95 4.13
CA VAL A 159 -16.96 15.40 3.37
C VAL A 159 -16.92 14.84 1.97
N PHE A 160 -17.27 13.58 1.82
CA PHE A 160 -17.42 13.00 0.48
C PHE A 160 -18.43 13.77 -0.36
N ALA A 161 -19.61 14.01 0.20
CA ALA A 161 -20.68 14.65 -0.55
C ALA A 161 -20.29 16.07 -0.94
N GLU A 162 -19.64 16.78 -0.01
CA GLU A 162 -19.25 18.17 -0.23
C GLU A 162 -18.17 18.26 -1.27
N VAL A 163 -17.20 17.35 -1.25
CA VAL A 163 -16.16 17.34 -2.30
C VAL A 163 -16.79 16.96 -3.66
N ASN A 164 -17.75 16.04 -3.62
CA ASN A 164 -18.43 15.61 -4.84
C ASN A 164 -19.29 16.71 -5.52
N ARG A 165 -20.03 17.47 -4.70
CA ARG A 165 -20.75 18.66 -5.15
C ARG A 165 -19.79 19.62 -5.85
N TYR A 166 -18.68 19.90 -5.17
CA TYR A 166 -17.65 20.79 -5.67
C TYR A 166 -17.17 20.41 -7.04
N PHE A 167 -16.90 19.13 -7.23
CA PHE A 167 -16.50 18.65 -8.55
C PHE A 167 -17.58 18.87 -9.62
N ILE A 168 -18.86 18.60 -9.29
CA ILE A 168 -20.00 18.85 -10.19
C ILE A 168 -20.00 20.31 -10.63
N GLU A 169 -19.84 21.21 -9.67
CA GLU A 169 -19.85 22.65 -9.92
C GLU A 169 -18.65 23.12 -10.78
N GLN A 170 -17.45 22.71 -10.41
CA GLN A 170 -16.26 23.13 -11.15
C GLN A 170 -16.20 22.59 -12.57
N ILE A 171 -16.68 21.37 -12.78
CA ILE A 171 -16.78 20.77 -14.11
C ILE A 171 -17.73 21.62 -14.95
N ALA A 172 -18.87 21.99 -14.38
CA ALA A 172 -19.84 22.82 -15.06
C ALA A 172 -19.23 24.19 -15.38
N ARG A 173 -18.55 24.77 -14.39
CA ARG A 173 -17.80 26.02 -14.57
C ARG A 173 -16.73 25.94 -15.65
N CYS A 174 -15.99 24.84 -15.74
CA CYS A 174 -14.99 24.68 -16.83
C CYS A 174 -15.56 24.51 -18.24
N GLU A 175 -16.64 23.72 -18.34
CA GLU A 175 -17.38 23.51 -19.58
C GLU A 175 -18.01 24.81 -20.08
N GLN A 176 -18.58 25.63 -19.19
CA GLN A 176 -19.09 26.94 -19.56
C GLN A 176 -18.03 27.86 -20.12
N ALA A 177 -16.83 27.82 -19.56
CA ALA A 177 -15.71 28.62 -20.08
C ALA A 177 -15.11 28.04 -21.35
N GLY A 178 -15.64 26.92 -21.84
CA GLY A 178 -15.19 26.32 -23.09
C GLY A 178 -14.15 25.21 -22.97
N ILE A 179 -13.91 24.72 -21.75
CA ILE A 179 -12.98 23.61 -21.52
C ILE A 179 -13.81 22.34 -21.49
N ALA A 180 -13.53 21.43 -22.41
CA ALA A 180 -14.27 20.18 -22.51
C ALA A 180 -13.94 19.24 -21.36
N LYS A 181 -14.96 18.54 -20.85
CA LYS A 181 -14.82 17.40 -19.90
C LYS A 181 -13.56 16.59 -20.10
N GLU A 182 -13.28 16.29 -21.37
CA GLU A 182 -12.22 15.36 -21.76
C GLU A 182 -10.82 15.87 -21.44
N LYS A 183 -10.71 17.15 -21.08
CA LYS A 183 -9.45 17.73 -20.62
C LYS A 183 -9.32 17.80 -19.09
N LEU A 184 -10.36 17.42 -18.34
CA LEU A 184 -10.40 17.60 -16.89
C LEU A 184 -9.89 16.39 -16.11
N LEU A 185 -9.18 16.66 -15.01
CA LEU A 185 -8.83 15.68 -13.99
C LEU A 185 -9.40 16.17 -12.68
N LEU A 186 -9.75 15.25 -11.78
CA LEU A 186 -10.29 15.57 -10.47
C LEU A 186 -9.35 15.04 -9.38
N ASP A 187 -9.19 15.82 -8.32
CA ASP A 187 -8.31 15.54 -7.18
C ASP A 187 -9.02 16.01 -5.92
N PRO A 188 -9.29 15.10 -4.98
CA PRO A 188 -10.00 15.48 -3.75
C PRO A 188 -9.21 16.35 -2.78
N GLY A 189 -7.93 16.60 -3.05
CA GLY A 189 -7.16 17.55 -2.26
C GLY A 189 -6.92 17.11 -0.84
N PHE A 190 -6.16 16.04 -0.67
CA PHE A 190 -5.87 15.55 0.68
C PHE A 190 -5.08 16.61 1.44
N GLY A 191 -5.54 16.90 2.65
CA GLY A 191 -4.91 17.88 3.52
C GLY A 191 -5.26 19.33 3.26
N PHE A 192 -6.04 19.62 2.21
CA PHE A 192 -6.46 21.00 1.92
C PHE A 192 -7.81 21.34 2.53
N GLY A 193 -7.78 21.75 3.79
CA GLY A 193 -8.99 22.05 4.54
C GLY A 193 -9.64 20.78 5.05
N LYS A 194 -8.82 19.88 5.59
CA LYS A 194 -9.29 18.59 6.02
C LYS A 194 -8.49 18.13 7.24
N ASN A 195 -9.18 17.75 8.31
CA ASN A 195 -8.57 17.01 9.41
C ASN A 195 -8.32 15.55 9.01
N LEU A 196 -7.78 14.79 9.95
CA LEU A 196 -7.35 13.42 9.70
C LEU A 196 -8.50 12.53 9.29
N SER A 197 -9.60 12.61 10.01
CA SER A 197 -10.75 11.76 9.69
C SER A 197 -11.37 12.14 8.32
N HIS A 198 -11.47 13.44 8.03
CA HIS A 198 -11.91 13.86 6.69
C HIS A 198 -11.08 13.19 5.57
N ASN A 199 -9.75 13.19 5.73
CA ASN A 199 -8.85 12.66 4.73
C ASN A 199 -9.06 11.18 4.52
N TYR A 200 -9.19 10.40 5.59
CA TYR A 200 -9.39 8.96 5.48
C TYR A 200 -10.79 8.58 4.96
N SER A 201 -11.81 9.37 5.28
CA SER A 201 -13.13 9.23 4.66
C SER A 201 -13.10 9.38 3.13
N LEU A 202 -12.33 10.34 2.64
CA LEU A 202 -12.19 10.53 1.21
C LEU A 202 -11.37 9.41 0.55
N LEU A 203 -10.26 9.00 1.20
CA LEU A 203 -9.45 7.89 0.67
C LEU A 203 -10.27 6.61 0.59
N ALA A 204 -11.08 6.38 1.61
CA ALA A 204 -11.87 5.14 1.72
C ALA A 204 -12.97 5.03 0.67
N ARG A 205 -13.50 6.18 0.24
CA ARG A 205 -14.53 6.22 -0.78
C ARG A 205 -14.05 6.79 -2.09
N LEU A 206 -12.74 6.72 -2.36
CA LEU A 206 -12.16 7.39 -3.51
C LEU A 206 -12.70 6.82 -4.82
N ALA A 207 -12.87 5.51 -4.87
CA ALA A 207 -13.46 4.84 -6.03
C ALA A 207 -14.80 5.42 -6.46
N GLU A 208 -15.57 5.93 -5.52
CA GLU A 208 -16.86 6.49 -5.84
C GLU A 208 -16.84 7.78 -6.67
N PHE A 209 -15.67 8.40 -6.81
CA PHE A 209 -15.45 9.57 -7.67
C PHE A 209 -15.30 9.22 -9.16
N HIS A 210 -15.20 7.93 -9.46
CA HIS A 210 -15.20 7.46 -10.84
C HIS A 210 -16.49 7.69 -11.61
N HIS A 211 -17.63 7.98 -10.97
CA HIS A 211 -18.88 8.22 -11.71
C HIS A 211 -18.77 9.35 -12.74
N PHE A 212 -17.92 10.34 -12.45
CA PHE A 212 -17.63 11.43 -13.38
C PHE A 212 -17.00 10.91 -14.66
N ASN A 213 -16.47 9.69 -14.61
CA ASN A 213 -15.78 9.12 -15.74
C ASN A 213 -14.60 10.01 -16.14
N LEU A 214 -13.93 10.59 -15.14
CA LEU A 214 -12.75 11.44 -15.39
C LEU A 214 -11.55 10.88 -14.63
N PRO A 215 -10.33 11.10 -15.15
CA PRO A 215 -9.16 10.70 -14.41
C PRO A 215 -9.09 11.29 -13.00
N LEU A 216 -8.52 10.51 -12.09
CA LEU A 216 -8.42 10.81 -10.67
C LEU A 216 -6.93 10.97 -10.37
N LEU A 217 -6.61 12.10 -9.75
CA LEU A 217 -5.25 12.45 -9.30
C LEU A 217 -5.29 12.56 -7.81
N VAL A 218 -4.25 12.05 -7.14
CA VAL A 218 -4.16 12.13 -5.68
C VAL A 218 -2.75 12.46 -5.27
N GLY A 219 -2.65 13.27 -4.22
CA GLY A 219 -1.38 13.61 -3.63
C GLY A 219 -1.49 13.47 -2.11
N MET A 220 -0.99 12.36 -1.59
CA MET A 220 -0.91 12.14 -0.15
C MET A 220 0.54 12.12 0.42
N SER A 221 1.52 12.27 -0.46
CA SER A 221 2.91 11.96 -0.17
C SER A 221 3.45 12.81 0.94
N ARG A 222 3.88 12.17 2.02
CA ARG A 222 4.43 12.83 3.19
C ARG A 222 3.48 13.81 3.85
N LYS A 223 2.17 13.71 3.62
CA LYS A 223 1.23 14.67 4.22
C LYS A 223 0.85 14.35 5.64
N SER A 224 0.19 15.33 6.26
CA SER A 224 -0.32 15.26 7.62
C SER A 224 -1.10 14.02 7.94
N MET A 225 -1.95 13.57 7.02
CA MET A 225 -2.73 12.35 7.24
C MET A 225 -1.89 11.07 7.48
N ILE A 226 -0.60 11.10 7.12
CA ILE A 226 0.34 10.08 7.57
C ILE A 226 1.06 10.56 8.83
N GLY A 227 1.62 11.76 8.78
CA GLY A 227 2.33 12.36 9.95
C GLY A 227 1.58 12.31 11.27
N GLN A 228 0.31 12.70 11.24
CA GLN A 228 -0.57 12.71 12.41
C GLN A 228 -1.01 11.33 12.86
N LEU A 229 -1.10 10.39 11.90
CA LEU A 229 -1.51 9.04 12.23
C LEU A 229 -0.36 8.33 12.92
N LEU A 230 0.84 8.42 12.37
CA LEU A 230 2.01 7.76 12.94
C LEU A 230 2.82 8.58 13.97
N ASN A 231 2.54 9.87 14.10
CA ASN A 231 3.37 10.81 14.90
C ASN A 231 4.82 10.79 14.52
N VAL A 232 5.07 11.06 13.24
CA VAL A 232 6.41 11.15 12.72
C VAL A 232 6.55 12.44 11.92
N GLY A 233 7.79 12.85 11.75
CA GLY A 233 8.13 14.01 10.97
C GLY A 233 8.10 13.68 9.49
N PRO A 234 8.31 14.70 8.64
CA PRO A 234 8.17 14.58 7.20
C PRO A 234 9.14 13.59 6.50
N SER A 235 10.28 13.28 7.14
CA SER A 235 11.22 12.35 6.54
C SER A 235 11.05 10.92 7.03
N GLU A 236 10.01 10.65 7.81
CA GLU A 236 9.75 9.30 8.26
C GLU A 236 8.41 8.71 7.71
N ARG A 237 7.95 9.21 6.58
CA ARG A 237 6.59 8.94 6.12
C ARG A 237 6.50 8.11 4.85
N LEU A 238 7.62 7.55 4.40
CA LEU A 238 7.63 6.78 3.19
C LEU A 238 6.67 5.61 3.21
N SER A 239 6.74 4.78 4.26
CA SER A 239 5.95 3.58 4.28
C SER A 239 4.47 3.93 4.22
N GLY A 240 4.06 4.90 5.04
CA GLY A 240 2.67 5.39 5.06
C GLY A 240 2.27 5.97 3.72
N SER A 241 3.15 6.76 3.10
CA SER A 241 2.90 7.31 1.77
C SER A 241 2.66 6.23 0.73
N LEU A 242 3.46 5.15 0.77
CA LEU A 242 3.27 4.04 -0.16
C LEU A 242 1.92 3.38 0.07
N ALA A 243 1.57 3.16 1.32
CA ALA A 243 0.29 2.57 1.65
C ALA A 243 -0.88 3.36 1.08
N CYS A 244 -0.83 4.68 1.29
CA CYS A 244 -1.77 5.62 0.67
C CYS A 244 -1.80 5.50 -0.84
N ALA A 245 -0.62 5.45 -1.43
CA ALA A 245 -0.51 5.29 -2.87
C ALA A 245 -1.17 4.02 -3.38
N VAL A 246 -0.94 2.92 -2.70
CA VAL A 246 -1.46 1.64 -3.10
C VAL A 246 -2.97 1.60 -2.90
N ILE A 247 -3.41 2.15 -1.79
CA ILE A 247 -4.84 2.21 -1.49
C ILE A 247 -5.55 2.95 -2.58
N ALA A 248 -5.00 4.10 -2.97
CA ALA A 248 -5.57 4.88 -4.08
C ALA A 248 -5.57 4.14 -5.42
N ALA A 249 -4.40 3.60 -5.78
CA ALA A 249 -4.23 2.99 -7.08
C ALA A 249 -5.04 1.68 -7.23
N MET A 250 -5.25 0.97 -6.12
CA MET A 250 -6.14 -0.19 -6.12
C MET A 250 -7.59 0.18 -6.39
N GLN A 251 -7.97 1.40 -6.02
CA GLN A 251 -9.30 1.93 -6.34
C GLN A 251 -9.37 2.65 -7.69
N GLY A 252 -8.37 2.49 -8.55
CA GLY A 252 -8.40 3.00 -9.92
C GLY A 252 -7.96 4.42 -10.09
N ALA A 253 -7.23 4.98 -9.13
CA ALA A 253 -6.66 6.31 -9.28
C ALA A 253 -5.68 6.24 -10.42
N HIS A 254 -5.65 7.28 -11.27
CA HIS A 254 -4.85 7.29 -12.47
C HIS A 254 -3.47 7.90 -12.29
N ILE A 255 -3.35 8.93 -11.46
CA ILE A 255 -2.08 9.65 -11.27
C ILE A 255 -1.83 9.83 -9.78
N ILE A 256 -0.62 9.42 -9.36
CA ILE A 256 -0.18 9.50 -7.97
C ILE A 256 0.99 10.48 -7.90
N ARG A 257 0.80 11.55 -7.15
CA ARG A 257 1.76 12.63 -7.04
C ARG A 257 2.60 12.43 -5.78
N VAL A 258 3.91 12.26 -5.96
CA VAL A 258 4.77 11.83 -4.86
C VAL A 258 6.12 12.46 -4.85
N HIS A 259 6.80 12.38 -3.70
CA HIS A 259 8.22 12.77 -3.60
C HIS A 259 9.19 11.64 -3.98
N ASP A 260 8.83 10.42 -3.62
CA ASP A 260 9.71 9.26 -3.67
C ASP A 260 9.27 8.43 -4.82
N VAL A 261 9.84 8.73 -5.99
CA VAL A 261 9.31 8.18 -7.24
C VAL A 261 9.62 6.70 -7.36
N LYS A 262 10.87 6.33 -7.15
CA LYS A 262 11.28 4.95 -7.39
C LYS A 262 10.40 4.00 -6.64
N GLU A 263 10.24 4.28 -5.35
CA GLU A 263 9.52 3.42 -4.44
C GLU A 263 8.06 3.38 -4.80
N THR A 264 7.48 4.50 -5.21
CA THR A 264 6.08 4.53 -5.59
C THR A 264 5.84 3.71 -6.85
N VAL A 265 6.72 3.88 -7.83
CA VAL A 265 6.65 3.13 -9.08
C VAL A 265 6.75 1.62 -8.87
N GLU A 266 7.63 1.19 -7.97
CA GLU A 266 7.70 -0.24 -7.60
C GLU A 266 6.40 -0.76 -7.05
N ALA A 267 5.80 0.02 -6.16
CA ALA A 267 4.48 -0.31 -5.60
C ALA A 267 3.39 -0.35 -6.64
N MET A 268 3.40 0.60 -7.56
CA MET A 268 2.42 0.63 -8.66
C MET A 268 2.51 -0.57 -9.60
N ARG A 269 3.73 -1.05 -9.87
N ARG A 269 3.72 -1.05 -9.87
CA ARG A 269 3.92 -2.27 -10.65
CA ARG A 269 3.92 -2.28 -10.65
C ARG A 269 3.21 -3.45 -9.99
C ARG A 269 3.20 -3.45 -10.00
N VAL A 270 3.38 -3.58 -8.68
CA VAL A 270 2.67 -4.60 -7.91
C VAL A 270 1.15 -4.40 -7.99
N VAL A 271 0.67 -3.17 -7.85
CA VAL A 271 -0.77 -2.86 -8.06
C VAL A 271 -1.25 -3.29 -9.47
N GLU A 272 -0.48 -2.93 -10.49
CA GLU A 272 -0.81 -3.27 -11.89
C GLU A 272 -0.89 -4.78 -12.09
N ALA A 273 0.10 -5.51 -11.56
CA ALA A 273 0.08 -6.97 -11.66
C ALA A 273 -1.15 -7.53 -10.98
N THR A 274 -1.55 -6.95 -9.86
CA THR A 274 -2.74 -7.38 -9.16
C THR A 274 -4.00 -7.03 -9.93
N LEU A 275 -4.11 -5.80 -10.41
CA LEU A 275 -5.27 -5.36 -11.22
C LEU A 275 -5.44 -6.13 -12.54
N SER A 276 -4.33 -6.44 -13.19
CA SER A 276 -4.33 -7.31 -14.39
C SER A 276 -4.95 -8.66 -14.13
N ALA A 277 -4.60 -9.30 -13.02
CA ALA A 277 -5.19 -10.58 -12.65
C ALA A 277 -6.68 -10.48 -12.29
N LYS A 278 -7.11 -9.32 -11.85
CA LYS A 278 -8.51 -9.09 -11.51
C LYS A 278 -9.36 -8.96 -12.79
N GLU A 279 -10.52 -9.62 -12.80
CA GLU A 279 -11.49 -9.44 -13.89
C GLU A 279 -12.05 -8.01 -13.88
N ASN A 280 -12.55 -7.61 -12.71
CA ASN A 280 -12.98 -6.23 -12.39
C ASN A 280 -12.06 -5.05 -12.85
N LYS A 281 -10.73 -5.22 -12.69
CA LYS A 281 -9.71 -4.17 -12.93
C LYS A 281 -9.73 -3.01 -11.89
N ARG A 282 -10.33 -3.25 -10.71
CA ARG A 282 -10.52 -2.24 -9.66
C ARG A 282 -11.06 -2.85 -8.34
N TYR A 283 -10.77 -2.16 -7.23
CA TYR A 283 -11.29 -2.47 -5.87
C TYR A 283 -12.16 -1.33 -5.36
N GLU A 284 -13.20 -1.68 -4.62
CA GLU A 284 -14.15 -0.72 -4.05
C GLU A 284 -14.77 -1.33 -2.79
N SER B 2 -15.32 -9.54 14.74
CA SER B 2 -14.90 -10.06 16.09
C SER B 2 -14.28 -11.47 16.02
N MET B 3 -13.47 -11.71 14.99
CA MET B 3 -12.74 -12.97 14.89
C MET B 3 -11.67 -12.91 15.98
N LYS B 4 -11.53 -14.01 16.70
CA LYS B 4 -10.59 -14.10 17.81
C LYS B 4 -9.94 -15.48 17.86
N LEU B 5 -8.65 -15.53 18.12
CA LEU B 5 -7.98 -16.80 18.42
C LEU B 5 -7.67 -16.85 19.91
N PHE B 6 -7.66 -18.08 20.47
CA PHE B 6 -7.35 -18.30 21.88
C PHE B 6 -6.21 -19.32 21.99
N ALA B 7 -5.23 -19.02 22.82
CA ALA B 7 -4.15 -19.96 23.10
C ALA B 7 -3.38 -19.52 24.28
N GLN B 8 -2.95 -20.49 25.08
CA GLN B 8 -2.06 -20.24 26.20
C GLN B 8 -2.60 -19.19 27.14
N GLY B 9 -3.91 -19.20 27.33
CA GLY B 9 -4.57 -18.28 28.23
C GLY B 9 -4.69 -16.84 27.80
N THR B 10 -4.46 -16.57 26.51
CA THR B 10 -4.59 -15.23 26.00
C THR B 10 -5.32 -15.32 24.69
N SER B 11 -5.54 -14.16 24.09
CA SER B 11 -6.32 -14.07 22.88
C SER B 11 -5.75 -13.05 21.95
N LEU B 12 -6.11 -13.21 20.70
CA LEU B 12 -5.61 -12.39 19.61
C LEU B 12 -6.86 -11.85 18.96
N ASP B 13 -6.96 -10.52 18.90
CA ASP B 13 -8.17 -9.87 18.43
C ASP B 13 -7.97 -9.58 16.96
N LEU B 14 -8.66 -10.33 16.13
CA LEU B 14 -8.51 -10.20 14.68
C LEU B 14 -9.56 -9.28 14.03
N SER B 15 -9.98 -8.23 14.74
CA SER B 15 -10.82 -7.18 14.15
C SER B 15 -9.97 -6.20 13.34
N HIS B 16 -8.65 -6.26 13.52
CA HIS B 16 -7.73 -5.47 12.75
C HIS B 16 -6.58 -6.37 12.28
N PRO B 17 -5.81 -5.92 11.29
CA PRO B 17 -4.68 -6.73 10.87
C PRO B 17 -3.54 -6.72 11.88
N HIS B 18 -2.82 -7.85 11.94
CA HIS B 18 -1.66 -8.04 12.77
C HIS B 18 -0.44 -8.31 11.94
N VAL B 19 0.69 -7.73 12.35
CA VAL B 19 1.99 -8.03 11.77
C VAL B 19 2.75 -9.16 12.52
N MET B 20 3.11 -10.20 11.78
CA MET B 20 3.89 -11.31 12.28
C MET B 20 5.30 -11.07 11.77
N GLY B 21 6.23 -10.84 12.67
CA GLY B 21 7.63 -10.79 12.35
C GLY B 21 8.27 -12.16 12.26
N ILE B 22 9.20 -12.32 11.33
CA ILE B 22 9.91 -13.57 11.07
C ILE B 22 11.18 -13.54 11.91
N LEU B 23 11.37 -14.55 12.78
CA LEU B 23 12.59 -14.69 13.55
C LEU B 23 13.48 -15.85 13.08
N ASN B 24 14.74 -15.53 12.77
CA ASN B 24 15.77 -16.54 12.48
C ASN B 24 16.29 -17.21 13.73
N VAL B 25 16.46 -18.53 13.69
CA VAL B 25 17.28 -19.24 14.70
C VAL B 25 18.53 -19.78 13.98
N THR B 26 19.71 -19.52 14.53
CA THR B 26 20.97 -19.74 13.78
C THR B 26 21.52 -21.17 13.96
N ASN B 37 24.00 -17.67 23.57
CA ASN B 37 24.51 -16.79 22.52
C ASN B 37 23.50 -16.56 21.39
N SER B 38 23.15 -17.60 20.64
CA SER B 38 22.10 -17.49 19.63
C SER B 38 20.75 -17.23 20.27
N LEU B 39 20.59 -17.73 21.50
CA LEU B 39 19.39 -17.51 22.30
C LEU B 39 19.27 -16.06 22.77
N ILE B 40 20.37 -15.45 23.17
CA ILE B 40 20.39 -14.02 23.48
C ILE B 40 20.06 -13.19 22.25
N ASP B 41 20.58 -13.58 21.10
CA ASP B 41 20.33 -12.85 19.89
C ASP B 41 18.89 -12.95 19.47
N ALA B 42 18.31 -14.15 19.56
CA ALA B 42 16.90 -14.37 19.25
C ALA B 42 16.00 -13.41 20.03
N VAL B 43 16.29 -13.30 21.31
CA VAL B 43 15.50 -12.53 22.22
C VAL B 43 15.70 -11.05 21.94
N LYS B 44 16.91 -10.68 21.57
CA LYS B 44 17.20 -9.32 21.17
C LYS B 44 16.40 -8.95 19.91
N HIS B 45 16.34 -9.85 18.92
CA HIS B 45 15.64 -9.56 17.67
C HIS B 45 14.11 -9.58 17.87
N ALA B 46 13.65 -10.43 18.77
CA ALA B 46 12.23 -10.49 19.10
C ALA B 46 11.81 -9.18 19.78
N ASN B 47 12.68 -8.71 20.67
CA ASN B 47 12.44 -7.45 21.34
C ASN B 47 12.30 -6.30 20.35
N LEU B 48 13.20 -6.25 19.36
CA LEU B 48 13.18 -5.22 18.32
C LEU B 48 11.90 -5.23 17.50
N MET B 49 11.41 -6.42 17.20
CA MET B 49 10.20 -6.57 16.37
C MET B 49 8.95 -6.16 17.13
N ILE B 50 8.91 -6.52 18.42
CA ILE B 50 7.85 -6.11 19.33
C ILE B 50 7.82 -4.58 19.44
N ASN B 51 8.96 -3.96 19.65
CA ASN B 51 9.05 -2.49 19.67
C ASN B 51 8.70 -1.83 18.36
N ALA B 52 8.89 -2.54 17.26
CA ALA B 52 8.37 -2.12 15.97
C ALA B 52 6.86 -2.40 15.78
N GLY B 53 6.24 -3.16 16.68
CA GLY B 53 4.77 -3.36 16.68
C GLY B 53 4.27 -4.72 16.23
N ALA B 54 5.19 -5.68 16.12
CA ALA B 54 4.82 -7.04 15.80
C ALA B 54 4.01 -7.55 16.97
N THR B 55 2.89 -8.20 16.68
CA THR B 55 2.14 -8.87 17.72
C THR B 55 2.24 -10.38 17.68
N ILE B 56 2.99 -10.92 16.71
CA ILE B 56 3.22 -12.36 16.64
C ILE B 56 4.63 -12.48 16.15
N ILE B 57 5.35 -13.50 16.62
CA ILE B 57 6.70 -13.79 16.16
C ILE B 57 6.75 -15.22 15.69
N ASP B 58 7.12 -15.36 14.41
CA ASP B 58 7.17 -16.65 13.77
C ASP B 58 8.60 -17.14 13.88
N VAL B 59 8.79 -18.11 14.77
CA VAL B 59 10.10 -18.68 15.04
C VAL B 59 10.44 -19.70 13.98
N GLY B 60 11.56 -19.47 13.28
CA GLY B 60 12.03 -20.35 12.20
C GLY B 60 12.98 -19.60 11.27
N GLY B 61 12.41 -18.82 10.36
CA GLY B 61 13.19 -18.09 9.37
C GLY B 61 14.04 -18.98 8.44
N GLU B 62 15.34 -18.70 8.37
CA GLU B 62 16.21 -19.35 7.38
C GLU B 62 16.55 -20.80 7.76
N SER B 63 16.54 -21.15 9.05
CA SER B 63 16.67 -22.55 9.49
C SER B 63 15.48 -23.43 9.10
N THR B 64 14.30 -22.84 8.89
CA THR B 64 13.09 -23.60 8.54
C THR B 64 12.58 -23.35 7.12
N ARG B 65 13.32 -22.63 6.29
CA ARG B 65 12.88 -22.41 4.90
C ARG B 65 12.85 -23.72 4.08
N PRO B 66 12.10 -23.74 2.96
CA PRO B 66 12.22 -24.84 2.00
C PRO B 66 13.62 -24.92 1.44
N GLY B 67 14.17 -26.14 1.32
CA GLY B 67 15.54 -26.34 0.92
C GLY B 67 16.58 -26.32 2.04
N ALA B 68 16.22 -25.76 3.22
CA ALA B 68 17.12 -25.78 4.38
C ALA B 68 17.46 -27.22 4.78
N ALA B 69 18.64 -27.39 5.35
CA ALA B 69 19.08 -28.69 5.84
C ALA B 69 18.11 -29.28 6.86
N GLU B 70 17.75 -30.54 6.69
CA GLU B 70 16.96 -31.25 7.68
C GLU B 70 17.78 -31.54 8.92
N VAL B 71 17.08 -31.71 10.03
CA VAL B 71 17.69 -31.93 11.33
C VAL B 71 17.01 -33.10 12.00
N SER B 72 17.72 -33.71 12.95
CA SER B 72 17.09 -34.71 13.79
C SER B 72 16.06 -34.03 14.69
N VAL B 73 15.10 -34.83 15.16
CA VAL B 73 14.19 -34.41 16.22
C VAL B 73 14.96 -33.73 17.36
N GLU B 74 16.03 -34.36 17.79
CA GLU B 74 16.80 -33.92 18.94
C GLU B 74 17.42 -32.54 18.69
N GLU B 75 17.88 -32.32 17.48
CA GLU B 75 18.51 -31.04 17.16
C GLU B 75 17.45 -29.96 17.11
N GLU B 76 16.33 -30.26 16.46
CA GLU B 76 15.26 -29.27 16.32
C GLU B 76 14.69 -28.84 17.68
N LEU B 77 14.47 -29.79 18.58
CA LEU B 77 14.07 -29.48 19.95
C LEU B 77 15.11 -28.58 20.63
N GLN B 78 16.39 -28.91 20.47
CA GLN B 78 17.47 -28.11 21.07
C GLN B 78 17.57 -26.69 20.55
N ARG B 79 17.25 -26.46 19.28
CA ARG B 79 17.36 -25.12 18.72
C ARG B 79 16.05 -24.34 18.87
N VAL B 80 14.90 -25.03 18.75
CA VAL B 80 13.59 -24.40 18.77
C VAL B 80 13.02 -24.14 20.15
N ILE B 81 13.01 -25.16 21.00
CA ILE B 81 12.29 -25.10 22.26
C ILE B 81 12.80 -24.04 23.22
N PRO B 82 14.13 -23.90 23.35
CA PRO B 82 14.61 -22.79 24.18
C PRO B 82 14.23 -21.41 23.69
N VAL B 83 14.12 -21.22 22.37
CA VAL B 83 13.81 -19.89 21.84
C VAL B 83 12.37 -19.56 22.20
N VAL B 84 11.49 -20.52 21.95
CA VAL B 84 10.08 -20.38 22.24
C VAL B 84 9.88 -20.12 23.72
N GLU B 85 10.59 -20.88 24.55
CA GLU B 85 10.50 -20.75 25.99
C GLU B 85 10.96 -19.38 26.43
N ALA B 86 12.11 -18.94 25.96
CA ALA B 86 12.66 -17.63 26.32
C ALA B 86 11.72 -16.49 26.00
N ILE B 87 11.14 -16.53 24.81
CA ILE B 87 10.16 -15.51 24.39
C ILE B 87 8.88 -15.54 25.20
N ALA B 88 8.38 -16.74 25.48
CA ALA B 88 7.14 -16.89 26.24
C ALA B 88 7.28 -16.30 27.66
N GLN B 89 8.46 -16.45 28.23
CA GLN B 89 8.76 -15.99 29.56
C GLN B 89 8.95 -14.51 29.65
N ARG B 90 9.42 -13.88 28.57
CA ARG B 90 9.81 -12.47 28.61
C ARG B 90 8.84 -11.47 28.03
N PHE B 91 8.03 -11.90 27.10
CA PHE B 91 7.24 -10.99 26.32
C PHE B 91 5.81 -11.39 26.32
N GLU B 92 4.93 -10.41 26.21
CA GLU B 92 3.50 -10.64 26.10
C GLU B 92 3.03 -11.18 24.71
N VAL B 93 3.88 -11.03 23.70
CA VAL B 93 3.61 -11.41 22.30
C VAL B 93 3.12 -12.85 22.04
N TRP B 94 2.38 -13.04 20.95
CA TRP B 94 2.11 -14.39 20.45
C TRP B 94 3.31 -14.96 19.65
N ILE B 95 3.37 -16.27 19.60
CA ILE B 95 4.49 -17.02 19.08
C ILE B 95 3.96 -18.09 18.13
N SER B 96 4.37 -18.01 16.87
CA SER B 96 4.12 -19.04 15.89
C SER B 96 5.39 -19.86 15.78
N VAL B 97 5.26 -21.18 15.68
CA VAL B 97 6.43 -22.05 15.60
C VAL B 97 6.41 -22.81 14.28
N ASP B 98 7.54 -22.73 13.57
CA ASP B 98 7.71 -23.43 12.29
C ASP B 98 8.29 -24.80 12.55
N THR B 99 7.48 -25.84 12.34
CA THR B 99 7.94 -27.21 12.47
C THR B 99 6.96 -28.13 11.76
N SER B 100 7.48 -29.28 11.38
CA SER B 100 6.68 -30.36 10.83
C SER B 100 6.63 -31.58 11.74
N LYS B 101 7.38 -31.59 12.86
CA LYS B 101 7.55 -32.80 13.68
C LYS B 101 6.64 -32.87 14.90
N PRO B 102 5.96 -34.01 15.11
CA PRO B 102 5.03 -34.13 16.26
C PRO B 102 5.67 -33.83 17.61
N GLU B 103 6.91 -34.22 17.81
CA GLU B 103 7.57 -33.98 19.10
C GLU B 103 7.77 -32.50 19.33
N VAL B 104 8.18 -31.80 18.29
CA VAL B 104 8.44 -30.37 18.38
C VAL B 104 7.13 -29.60 18.60
N ILE B 105 6.07 -30.01 17.92
CA ILE B 105 4.70 -29.53 18.19
C ILE B 105 4.28 -29.63 19.67
N ARG B 106 4.50 -30.81 20.28
CA ARG B 106 4.15 -31.09 21.69
C ARG B 106 4.93 -30.26 22.64
N GLU B 107 6.24 -30.31 22.47
CA GLU B 107 7.12 -29.57 23.34
C GLU B 107 6.98 -28.08 23.18
N SER B 108 6.70 -27.61 21.96
CA SER B 108 6.50 -26.18 21.72
C SER B 108 5.27 -25.68 22.46
N ALA B 109 4.20 -26.47 22.41
CA ALA B 109 2.96 -26.10 23.10
C ALA B 109 3.20 -26.04 24.59
N LYS B 110 4.00 -26.97 25.12
CA LYS B 110 4.27 -26.99 26.55
C LYS B 110 5.00 -25.77 27.03
N VAL B 111 5.84 -25.18 26.19
CA VAL B 111 6.60 -24.01 26.65
C VAL B 111 6.01 -22.67 26.21
N GLY B 112 4.80 -22.66 25.69
CA GLY B 112 4.06 -21.39 25.45
C GLY B 112 3.86 -20.87 24.02
N ALA B 113 4.14 -21.68 23.00
CA ALA B 113 3.78 -21.37 21.60
C ALA B 113 2.28 -21.26 21.43
N HIS B 114 1.86 -20.34 20.55
CA HIS B 114 0.45 -20.10 20.34
C HIS B 114 -0.10 -20.64 19.05
N ILE B 115 0.74 -20.72 18.00
CA ILE B 115 0.30 -21.09 16.65
C ILE B 115 1.26 -22.09 16.03
N ILE B 116 0.72 -23.17 15.48
CA ILE B 116 1.51 -24.14 14.76
C ILE B 116 1.52 -23.72 13.30
N ASN B 117 2.71 -23.46 12.81
CA ASN B 117 2.84 -23.08 11.43
C ASN B 117 3.66 -24.13 10.70
N ASP B 118 2.99 -25.12 10.14
CA ASP B 118 3.66 -26.17 9.37
C ASP B 118 3.42 -26.00 7.86
N ILE B 119 4.48 -25.67 7.12
CA ILE B 119 4.36 -25.51 5.65
C ILE B 119 4.05 -26.82 4.92
N ARG B 120 4.22 -27.95 5.61
CA ARG B 120 3.76 -29.28 5.16
C ARG B 120 2.35 -29.69 5.55
N SER B 121 1.60 -28.80 6.19
CA SER B 121 0.19 -29.06 6.55
C SER B 121 -0.01 -30.38 7.33
N LEU B 122 0.90 -30.67 8.25
CA LEU B 122 0.77 -31.75 9.23
C LEU B 122 0.74 -33.12 8.55
N SER B 123 1.65 -33.32 7.61
CA SER B 123 1.68 -34.50 6.77
C SER B 123 2.76 -35.49 7.21
N GLU B 124 3.74 -35.04 7.99
CA GLU B 124 4.58 -36.01 8.65
C GLU B 124 3.73 -36.93 9.57
N PRO B 125 4.14 -38.21 9.72
CA PRO B 125 3.46 -39.17 10.60
C PRO B 125 3.35 -38.63 12.02
N GLY B 126 2.14 -38.61 12.56
CA GLY B 126 1.90 -38.10 13.91
C GLY B 126 1.70 -36.62 14.11
N ALA B 127 1.92 -35.81 13.06
CA ALA B 127 1.91 -34.35 13.21
C ALA B 127 0.51 -33.84 13.45
N LEU B 128 -0.43 -34.36 12.68
CA LEU B 128 -1.85 -34.04 12.81
C LEU B 128 -2.37 -34.32 14.20
N GLU B 129 -2.03 -35.51 14.69
CA GLU B 129 -2.46 -35.99 16.02
C GLU B 129 -1.83 -35.12 17.09
N ALA B 130 -0.55 -34.83 16.96
CA ALA B 130 0.10 -33.99 17.95
C ALA B 130 -0.51 -32.59 18.03
N ALA B 131 -0.92 -32.02 16.89
CA ALA B 131 -1.43 -30.64 16.82
C ALA B 131 -2.81 -30.56 17.41
N ALA B 132 -3.62 -31.55 17.06
CA ALA B 132 -4.89 -31.78 17.73
C ALA B 132 -4.71 -31.83 19.23
N GLU B 133 -3.77 -32.64 19.72
CA GLU B 133 -3.58 -32.78 21.17
C GLU B 133 -3.23 -31.44 21.83
N THR B 134 -2.48 -30.56 21.15
CA THR B 134 -2.06 -29.30 21.79
C THR B 134 -3.24 -28.34 22.03
N GLY B 135 -4.31 -28.46 21.25
CA GLY B 135 -5.39 -27.49 21.26
C GLY B 135 -5.05 -26.12 20.69
N LEU B 136 -3.86 -25.95 20.12
CA LEU B 136 -3.41 -24.65 19.62
C LEU B 136 -3.94 -24.39 18.23
N PRO B 137 -4.07 -23.11 17.85
CA PRO B 137 -4.34 -22.74 16.46
C PRO B 137 -3.32 -23.30 15.47
N VAL B 138 -3.82 -23.63 14.29
CA VAL B 138 -3.03 -24.28 13.28
C VAL B 138 -3.18 -23.54 11.96
N CYS B 139 -2.07 -23.23 11.31
CA CYS B 139 -2.12 -22.57 10.02
C CYS B 139 -2.14 -23.64 8.90
N LEU B 140 -3.10 -23.52 7.98
CA LEU B 140 -3.21 -24.42 6.85
C LEU B 140 -2.75 -23.66 5.62
N MET B 141 -1.54 -23.96 5.16
CA MET B 141 -0.93 -23.25 4.04
C MET B 141 -0.95 -24.10 2.80
N HIS B 142 -1.29 -23.52 1.66
CA HIS B 142 -1.29 -24.28 0.42
C HIS B 142 0.10 -24.35 -0.14
N MET B 143 0.43 -25.53 -0.63
CA MET B 143 1.73 -25.79 -1.25
C MET B 143 1.55 -26.79 -2.40
N GLN B 144 2.37 -26.66 -3.45
CA GLN B 144 2.43 -27.66 -4.53
C GLN B 144 3.88 -28.07 -4.78
N PRO B 154 5.50 -25.32 -11.78
CA PRO B 154 4.17 -25.04 -11.20
C PRO B 154 3.08 -25.00 -12.27
N LYS B 155 1.94 -25.61 -12.02
CA LYS B 155 0.88 -25.70 -13.03
C LYS B 155 -0.54 -25.84 -12.46
N TYR B 156 -1.46 -24.98 -12.89
CA TYR B 156 -2.85 -24.99 -12.45
C TYR B 156 -3.81 -24.73 -13.59
N ASP B 157 -4.93 -25.44 -13.55
CA ASP B 157 -6.06 -25.17 -14.44
C ASP B 157 -6.73 -23.87 -13.98
N ASP B 158 -7.00 -23.78 -12.68
CA ASP B 158 -7.54 -22.56 -12.06
C ASP B 158 -7.01 -22.45 -10.64
N VAL B 159 -5.99 -21.60 -10.46
CA VAL B 159 -5.23 -21.60 -9.21
C VAL B 159 -6.10 -21.28 -8.03
N PHE B 160 -6.95 -20.26 -8.12
CA PHE B 160 -7.84 -19.97 -7.01
C PHE B 160 -8.71 -21.18 -6.63
N ALA B 161 -9.37 -21.80 -7.61
CA ALA B 161 -10.26 -22.94 -7.38
C ALA B 161 -9.53 -24.15 -6.79
N GLU B 162 -8.30 -24.39 -7.20
CA GLU B 162 -7.48 -25.47 -6.65
C GLU B 162 -7.03 -25.20 -5.22
N VAL B 163 -6.51 -24.00 -4.97
CA VAL B 163 -6.22 -23.58 -3.60
C VAL B 163 -7.48 -23.63 -2.75
N ASN B 164 -8.61 -23.20 -3.29
CA ASN B 164 -9.87 -23.24 -2.54
C ASN B 164 -10.35 -24.67 -2.19
N ARG B 165 -10.19 -25.60 -3.13
CA ARG B 165 -10.53 -27.02 -2.93
C ARG B 165 -9.67 -27.57 -1.78
N TYR B 166 -8.38 -27.32 -1.87
CA TYR B 166 -7.43 -27.73 -0.84
C TYR B 166 -7.80 -27.27 0.58
N PHE B 167 -8.25 -26.03 0.72
CA PHE B 167 -8.78 -25.55 2.00
C PHE B 167 -10.01 -26.34 2.46
N ILE B 168 -10.94 -26.62 1.56
CA ILE B 168 -12.10 -27.46 1.89
C ILE B 168 -11.65 -28.82 2.45
N GLU B 169 -10.67 -29.41 1.78
CA GLU B 169 -10.16 -30.73 2.15
C GLU B 169 -9.42 -30.70 3.49
N GLN B 170 -8.49 -29.76 3.65
CA GLN B 170 -7.70 -29.71 4.87
C GLN B 170 -8.51 -29.36 6.10
N ILE B 171 -9.51 -28.50 5.94
CA ILE B 171 -10.42 -28.18 7.03
C ILE B 171 -11.15 -29.46 7.48
N ALA B 172 -11.67 -30.23 6.52
CA ALA B 172 -12.35 -31.50 6.82
C ALA B 172 -11.42 -32.49 7.54
N ARG B 173 -10.22 -32.66 6.97
CA ARG B 173 -9.15 -33.45 7.58
C ARG B 173 -8.81 -33.04 9.00
N CYS B 174 -8.78 -31.73 9.26
CA CYS B 174 -8.53 -31.23 10.61
C CYS B 174 -9.71 -31.43 11.56
N GLU B 175 -10.91 -31.16 11.10
CA GLU B 175 -12.12 -31.40 11.91
C GLU B 175 -12.28 -32.89 12.22
N GLN B 176 -11.98 -33.74 11.24
CA GLN B 176 -12.00 -35.20 11.43
C GLN B 176 -10.97 -35.66 12.47
N ALA B 177 -9.81 -35.00 12.55
CA ALA B 177 -8.78 -35.30 13.57
C ALA B 177 -9.04 -34.66 14.94
N GLY B 178 -10.11 -33.89 15.04
CA GLY B 178 -10.57 -33.31 16.30
C GLY B 178 -10.15 -31.88 16.51
N ILE B 179 -9.77 -31.16 15.45
CA ILE B 179 -9.34 -29.77 15.55
C ILE B 179 -10.50 -28.97 15.01
N ALA B 180 -11.15 -28.20 15.89
CA ALA B 180 -12.31 -27.40 15.53
C ALA B 180 -11.94 -26.27 14.58
N LYS B 181 -12.85 -25.88 13.71
CA LYS B 181 -12.59 -24.84 12.73
C LYS B 181 -12.10 -23.58 13.40
N GLU B 182 -12.60 -23.30 14.59
CA GLU B 182 -12.25 -22.06 15.31
C GLU B 182 -10.75 -21.94 15.64
N LYS B 183 -9.98 -22.99 15.37
CA LYS B 183 -8.55 -22.98 15.58
C LYS B 183 -7.78 -22.96 14.28
N LEU B 184 -8.48 -22.88 13.15
CA LEU B 184 -7.82 -22.92 11.85
C LEU B 184 -7.57 -21.55 11.27
N LEU B 185 -6.40 -21.42 10.62
CA LEU B 185 -6.00 -20.24 9.84
C LEU B 185 -5.67 -20.71 8.46
N LEU B 186 -6.06 -19.93 7.46
CA LEU B 186 -5.87 -20.32 6.06
C LEU B 186 -4.86 -19.39 5.40
N ASP B 187 -3.88 -19.97 4.72
CA ASP B 187 -2.84 -19.24 4.03
C ASP B 187 -2.69 -19.84 2.62
N PRO B 188 -2.83 -19.02 1.55
CA PRO B 188 -2.72 -19.52 0.18
C PRO B 188 -1.31 -19.90 -0.25
N GLY B 189 -0.32 -19.52 0.54
CA GLY B 189 1.06 -19.94 0.31
C GLY B 189 1.69 -19.31 -0.91
N PHE B 190 1.84 -17.99 -0.90
CA PHE B 190 2.47 -17.31 -2.01
C PHE B 190 3.86 -17.85 -2.18
N GLY B 191 4.21 -18.15 -3.43
CA GLY B 191 5.54 -18.65 -3.76
C GLY B 191 5.75 -20.16 -3.61
N PHE B 192 4.75 -20.89 -3.10
CA PHE B 192 4.87 -22.33 -2.83
C PHE B 192 4.21 -23.10 -3.96
N GLY B 193 5.02 -23.41 -4.98
CA GLY B 193 4.53 -24.06 -6.20
C GLY B 193 3.64 -23.14 -7.03
N LYS B 194 4.11 -21.91 -7.23
CA LYS B 194 3.33 -20.89 -7.94
C LYS B 194 4.25 -19.95 -8.73
N ASN B 195 3.98 -19.83 -10.03
CA ASN B 195 4.61 -18.83 -10.88
C ASN B 195 4.02 -17.43 -10.61
N LEU B 196 4.54 -16.45 -11.35
CA LEU B 196 4.28 -15.08 -11.04
C LEU B 196 2.80 -14.78 -11.17
N SER B 197 2.20 -15.24 -12.26
CA SER B 197 0.78 -14.97 -12.50
C SER B 197 -0.14 -15.73 -11.53
N HIS B 198 0.23 -16.96 -11.16
CA HIS B 198 -0.54 -17.69 -10.15
C HIS B 198 -0.62 -16.86 -8.85
N ASN B 199 0.52 -16.33 -8.42
CA ASN B 199 0.60 -15.54 -7.21
C ASN B 199 -0.27 -14.31 -7.22
N TYR B 200 -0.23 -13.56 -8.33
CA TYR B 200 -1.08 -12.37 -8.45
C TYR B 200 -2.56 -12.67 -8.63
N SER B 201 -2.90 -13.82 -9.23
CA SER B 201 -4.31 -14.24 -9.28
C SER B 201 -4.83 -14.45 -7.89
N LEU B 202 -4.03 -15.12 -7.06
CA LEU B 202 -4.46 -15.40 -5.68
C LEU B 202 -4.55 -14.11 -4.85
N LEU B 203 -3.58 -13.22 -5.04
CA LEU B 203 -3.58 -11.95 -4.33
C LEU B 203 -4.79 -11.12 -4.72
N ALA B 204 -5.10 -11.13 -6.03
CA ALA B 204 -6.24 -10.37 -6.57
C ALA B 204 -7.57 -10.88 -6.09
N ARG B 205 -7.68 -12.18 -5.86
CA ARG B 205 -8.93 -12.76 -5.42
C ARG B 205 -8.90 -13.18 -3.96
N LEU B 206 -7.96 -12.64 -3.18
CA LEU B 206 -7.77 -13.07 -1.78
C LEU B 206 -9.03 -12.95 -0.94
N ALA B 207 -9.77 -11.85 -1.15
CA ALA B 207 -10.99 -11.56 -0.37
C ALA B 207 -12.05 -12.64 -0.50
N GLU B 208 -12.06 -13.34 -1.63
CA GLU B 208 -13.02 -14.43 -1.81
C GLU B 208 -12.81 -15.63 -0.84
N PHE B 209 -11.59 -15.80 -0.32
CA PHE B 209 -11.33 -16.81 0.71
C PHE B 209 -11.99 -16.54 2.07
N HIS B 210 -12.62 -15.38 2.24
CA HIS B 210 -13.44 -15.10 3.44
C HIS B 210 -14.72 -15.91 3.58
N HIS B 211 -15.21 -16.56 2.54
CA HIS B 211 -16.45 -17.35 2.69
C HIS B 211 -16.31 -18.48 3.71
N PHE B 212 -15.10 -19.00 3.91
CA PHE B 212 -14.85 -19.98 4.96
C PHE B 212 -15.12 -19.41 6.35
N ASN B 213 -15.12 -18.09 6.47
CA ASN B 213 -15.29 -17.39 7.71
C ASN B 213 -14.15 -17.71 8.68
N LEU B 214 -12.94 -17.86 8.13
CA LEU B 214 -11.74 -18.18 8.91
C LEU B 214 -10.68 -17.08 8.75
N PRO B 215 -9.78 -16.93 9.75
CA PRO B 215 -8.68 -15.99 9.60
C PRO B 215 -7.78 -16.34 8.41
N LEU B 216 -7.18 -15.30 7.85
CA LEU B 216 -6.38 -15.39 6.67
C LEU B 216 -5.00 -14.88 7.04
N LEU B 217 -4.00 -15.71 6.73
CA LEU B 217 -2.63 -15.37 6.92
C LEU B 217 -1.97 -15.35 5.55
N VAL B 218 -1.12 -14.35 5.32
CA VAL B 218 -0.36 -14.26 4.08
C VAL B 218 1.08 -13.90 4.34
N GLY B 219 1.95 -14.37 3.47
CA GLY B 219 3.37 -14.11 3.55
C GLY B 219 3.86 -13.86 2.15
N MET B 220 4.13 -12.61 1.84
CA MET B 220 4.70 -12.24 0.53
C MET B 220 6.05 -11.54 0.67
N SER B 221 6.49 -11.32 1.90
CA SER B 221 7.62 -10.46 2.18
C SER B 221 8.89 -10.91 1.42
N ARG B 222 9.37 -10.06 0.50
CA ARG B 222 10.63 -10.28 -0.23
C ARG B 222 10.62 -11.50 -1.13
N LYS B 223 9.43 -12.01 -1.47
CA LYS B 223 9.33 -13.21 -2.30
C LYS B 223 9.53 -12.94 -3.79
N SER B 224 9.60 -14.04 -4.55
CA SER B 224 9.79 -13.99 -6.00
C SER B 224 8.73 -13.22 -6.74
N MET B 225 7.49 -13.27 -6.25
CA MET B 225 6.43 -12.52 -6.89
C MET B 225 6.67 -11.00 -6.90
N ILE B 226 7.57 -10.54 -6.04
CA ILE B 226 8.07 -9.18 -6.11
C ILE B 226 9.37 -9.14 -6.93
N GLY B 227 10.35 -9.95 -6.54
CA GLY B 227 11.68 -9.94 -7.19
C GLY B 227 11.68 -10.10 -8.71
N GLN B 228 10.78 -10.95 -9.20
CA GLN B 228 10.65 -11.20 -10.62
C GLN B 228 9.85 -10.11 -11.30
N LEU B 229 8.88 -9.53 -10.59
CA LEU B 229 8.10 -8.44 -11.16
C LEU B 229 9.00 -7.25 -11.40
N LEU B 230 9.76 -6.87 -10.37
CA LEU B 230 10.59 -5.69 -10.41
C LEU B 230 12.02 -5.96 -10.87
N ASN B 231 12.42 -7.23 -10.97
CA ASN B 231 13.78 -7.56 -11.32
C ASN B 231 14.78 -6.89 -10.35
N VAL B 232 14.61 -7.19 -9.06
CA VAL B 232 15.54 -6.74 -8.01
C VAL B 232 15.86 -7.89 -7.07
N GLY B 233 16.99 -7.75 -6.38
CA GLY B 233 17.46 -8.74 -5.42
C GLY B 233 16.70 -8.72 -4.10
N PRO B 234 16.90 -9.75 -3.27
CA PRO B 234 16.10 -9.90 -2.06
C PRO B 234 16.08 -8.68 -1.16
N SER B 235 17.17 -7.92 -1.11
CA SER B 235 17.24 -6.74 -0.24
C SER B 235 16.60 -5.46 -0.79
N GLU B 236 16.08 -5.47 -2.01
CA GLU B 236 15.53 -4.27 -2.64
C GLU B 236 14.01 -4.40 -2.87
N ARG B 237 13.35 -5.23 -2.08
CA ARG B 237 11.94 -5.56 -2.28
C ARG B 237 10.98 -5.01 -1.24
N LEU B 238 11.46 -4.07 -0.42
CA LEU B 238 10.62 -3.50 0.63
C LEU B 238 9.38 -2.83 0.09
N SER B 239 9.54 -1.97 -0.89
CA SER B 239 8.39 -1.23 -1.42
C SER B 239 7.33 -2.14 -1.99
N GLY B 240 7.77 -3.16 -2.74
CA GLY B 240 6.84 -4.15 -3.29
C GLY B 240 6.22 -5.02 -2.24
N SER B 241 6.98 -5.37 -1.20
CA SER B 241 6.43 -6.15 -0.08
C SER B 241 5.35 -5.36 0.64
N LEU B 242 5.56 -4.03 0.77
CA LEU B 242 4.59 -3.20 1.47
C LEU B 242 3.33 -3.12 0.66
N ALA B 243 3.46 -3.03 -0.68
CA ALA B 243 2.29 -2.97 -1.55
C ALA B 243 1.46 -4.28 -1.46
N CYS B 244 2.18 -5.39 -1.56
CA CYS B 244 1.56 -6.68 -1.31
C CYS B 244 0.80 -6.75 0.03
N ALA B 245 1.48 -6.33 1.09
CA ALA B 245 0.89 -6.29 2.42
C ALA B 245 -0.37 -5.42 2.45
N VAL B 246 -0.31 -4.24 1.84
CA VAL B 246 -1.46 -3.34 1.84
C VAL B 246 -2.60 -3.91 1.00
N ILE B 247 -2.26 -4.47 -0.14
CA ILE B 247 -3.23 -5.12 -1.00
C ILE B 247 -3.95 -6.23 -0.24
N ALA B 248 -3.21 -7.07 0.47
CA ALA B 248 -3.83 -8.13 1.25
C ALA B 248 -4.70 -7.59 2.40
N ALA B 249 -4.20 -6.57 3.09
CA ALA B 249 -4.88 -6.07 4.29
C ALA B 249 -6.09 -5.28 3.92
N MET B 250 -6.05 -4.59 2.79
CA MET B 250 -7.23 -3.89 2.30
C MET B 250 -8.38 -4.86 2.01
N GLN B 251 -8.01 -6.11 1.64
CA GLN B 251 -8.95 -7.19 1.44
C GLN B 251 -9.27 -8.01 2.70
N GLY B 252 -8.88 -7.52 3.88
CA GLY B 252 -9.32 -8.13 5.12
C GLY B 252 -8.47 -9.30 5.61
N ALA B 253 -7.27 -9.46 5.09
CA ALA B 253 -6.28 -10.40 5.63
C ALA B 253 -5.99 -10.05 7.08
N HIS B 254 -5.90 -11.06 7.92
CA HIS B 254 -5.84 -10.88 9.37
C HIS B 254 -4.44 -10.87 9.94
N ILE B 255 -3.55 -11.65 9.33
CA ILE B 255 -2.16 -11.72 9.72
C ILE B 255 -1.26 -11.59 8.47
N ILE B 256 -0.23 -10.75 8.61
CA ILE B 256 0.69 -10.49 7.57
C ILE B 256 2.08 -10.80 8.08
N ARG B 257 2.75 -11.71 7.40
CA ARG B 257 4.00 -12.27 7.82
C ARG B 257 5.10 -11.60 7.04
N VAL B 258 6.03 -10.95 7.74
CA VAL B 258 7.03 -10.09 7.13
C VAL B 258 8.40 -10.08 7.82
N HIS B 259 9.41 -9.64 7.06
CA HIS B 259 10.74 -9.39 7.60
C HIS B 259 10.83 -8.01 8.17
N ASP B 260 10.18 -7.04 7.53
CA ASP B 260 10.35 -5.63 7.87
C ASP B 260 9.18 -5.17 8.68
N VAL B 261 9.27 -5.40 9.99
CA VAL B 261 8.09 -5.18 10.85
C VAL B 261 7.69 -3.70 10.92
N LYS B 262 8.63 -2.81 11.19
CA LYS B 262 8.28 -1.42 11.48
C LYS B 262 7.55 -0.79 10.34
N GLU B 263 8.07 -0.97 9.15
CA GLU B 263 7.47 -0.38 7.96
C GLU B 263 6.09 -1.01 7.69
N THR B 264 5.96 -2.32 7.90
CA THR B 264 4.73 -2.98 7.57
C THR B 264 3.64 -2.48 8.52
N VAL B 265 3.96 -2.40 9.80
CA VAL B 265 3.06 -1.89 10.83
C VAL B 265 2.59 -0.46 10.52
N GLU B 266 3.51 0.41 10.13
CA GLU B 266 3.10 1.75 9.73
C GLU B 266 2.06 1.72 8.58
N ALA B 267 2.33 0.87 7.59
CA ALA B 267 1.41 0.69 6.45
C ALA B 267 0.06 0.12 6.87
N MET B 268 0.06 -0.73 7.88
CA MET B 268 -1.16 -1.34 8.39
C MET B 268 -2.02 -0.33 9.11
N ARG B 269 -1.38 0.59 9.82
CA ARG B 269 -2.07 1.67 10.50
C ARG B 269 -2.80 2.56 9.52
N VAL B 270 -2.18 2.83 8.37
CA VAL B 270 -2.86 3.52 7.28
C VAL B 270 -4.05 2.68 6.75
N VAL B 271 -3.84 1.40 6.56
CA VAL B 271 -4.92 0.54 6.11
C VAL B 271 -6.08 0.57 7.12
N GLU B 272 -5.76 0.51 8.42
CA GLU B 272 -6.73 0.53 9.50
C GLU B 272 -7.57 1.80 9.55
N ALA B 273 -6.90 2.94 9.44
CA ALA B 273 -7.58 4.22 9.37
C ALA B 273 -8.54 4.29 8.17
N THR B 274 -8.11 3.70 7.06
CA THR B 274 -8.95 3.67 5.88
C THR B 274 -10.16 2.78 6.08
N LEU B 275 -9.94 1.57 6.61
CA LEU B 275 -11.00 0.60 6.79
C LEU B 275 -12.01 1.07 7.82
N SER B 276 -11.55 1.78 8.84
CA SER B 276 -12.43 2.46 9.80
C SER B 276 -13.29 3.56 9.25
N ALA B 277 -12.78 4.29 8.25
CA ALA B 277 -13.63 5.27 7.57
C ALA B 277 -14.61 4.60 6.62
N LYS B 278 -14.25 3.43 6.11
CA LYS B 278 -15.11 2.61 5.24
C LYS B 278 -16.31 2.03 6.02
N GLU B 279 -17.52 2.12 5.44
CA GLU B 279 -18.73 1.50 6.05
C GLU B 279 -18.72 -0.03 5.94
N ASN B 280 -18.29 -0.53 4.78
CA ASN B 280 -18.05 -1.97 4.49
C ASN B 280 -17.07 -2.65 5.48
N LYS B 281 -15.93 -2.00 5.72
CA LYS B 281 -14.75 -2.50 6.48
C LYS B 281 -13.82 -3.46 5.68
N ARG B 282 -13.90 -3.42 4.34
CA ARG B 282 -13.14 -4.32 3.44
C ARG B 282 -13.28 -3.90 1.97
N TYR B 283 -12.27 -4.25 1.16
CA TYR B 283 -12.27 -4.07 -0.31
C TYR B 283 -12.24 -5.41 -1.02
N GLU B 284 -12.68 -5.38 -2.28
CA GLU B 284 -12.85 -6.59 -3.10
C GLU B 284 -13.16 -6.20 -4.57
#